data_8W0Q
#
_entry.id   8W0Q
#
_entity_poly.entity_id   1
_entity_poly.type   'polypeptide(L)'
_entity_poly.pdbx_seq_one_letter_code
;RWVARRDYRGDMGFDYWVWE
;
_entity_poly.pdbx_strand_id   A
#
# COMPACT_ATOMS: atom_id res chain seq x y z
N ARG A 1 -11.40 -3.23 -6.10
CA ARG A 1 -10.06 -3.79 -6.44
C ARG A 1 -8.98 -3.21 -5.56
N TRP A 2 -7.96 -4.03 -5.21
CA TRP A 2 -6.91 -3.61 -4.32
C TRP A 2 -5.85 -2.86 -5.12
N VAL A 3 -5.45 -1.65 -4.65
CA VAL A 3 -4.44 -0.84 -5.30
C VAL A 3 -3.42 -0.49 -4.24
N ALA A 4 -2.13 -0.77 -4.52
CA ALA A 4 -1.02 -0.48 -3.66
C ALA A 4 -0.82 1.01 -3.47
N ARG A 5 -0.70 1.47 -2.20
CA ARG A 5 -0.34 2.84 -1.90
C ARG A 5 1.13 2.90 -1.61
N ARG A 6 1.74 4.02 -2.03
CA ARG A 6 3.14 4.10 -2.31
C ARG A 6 3.92 4.91 -1.30
N ASP A 7 3.42 5.02 -0.05
CA ASP A 7 4.05 5.85 0.95
C ASP A 7 5.09 5.05 1.72
N TYR A 8 5.39 3.83 1.23
CA TYR A 8 6.12 2.77 1.88
C TYR A 8 7.55 3.10 2.29
N ARG A 9 7.98 2.43 3.38
CA ARG A 9 9.32 2.50 3.90
C ARG A 9 9.99 1.16 3.68
N GLY A 10 9.17 0.08 3.60
CA GLY A 10 9.60 -1.30 3.39
C GLY A 10 10.13 -1.62 2.01
N ASP A 11 10.21 -2.95 1.71
CA ASP A 11 10.72 -3.50 0.47
C ASP A 11 9.60 -3.97 -0.44
N MET A 12 8.34 -3.98 0.05
CA MET A 12 7.24 -4.67 -0.59
C MET A 12 6.66 -3.87 -1.74
N GLY A 13 6.92 -2.55 -1.78
CA GLY A 13 6.48 -1.65 -2.84
C GLY A 13 5.13 -1.09 -2.53
N PHE A 14 4.55 -1.50 -1.39
CA PHE A 14 3.26 -1.01 -0.94
C PHE A 14 3.44 -0.87 0.54
N ASP A 15 2.57 -0.05 1.15
CA ASP A 15 2.53 0.21 2.56
C ASP A 15 1.26 -0.47 3.03
N TYR A 16 0.12 0.14 2.65
CA TYR A 16 -1.21 -0.31 2.94
C TYR A 16 -1.91 -0.49 1.60
N TRP A 17 -2.94 -1.36 1.58
CA TRP A 17 -3.78 -1.57 0.41
C TRP A 17 -5.03 -0.76 0.57
N VAL A 18 -5.30 0.11 -0.43
CA VAL A 18 -6.53 0.88 -0.54
C VAL A 18 -7.43 0.15 -1.51
N TRP A 19 -8.76 0.21 -1.27
CA TRP A 19 -9.75 -0.49 -2.05
C TRP A 19 -10.42 0.50 -3.00
N GLU A 20 -10.18 0.33 -4.32
CA GLU A 20 -10.65 1.19 -5.40
C GLU A 20 -11.63 0.47 -6.32
N ARG A 1 -11.34 -2.76 -7.19
CA ARG A 1 -10.00 -3.39 -7.27
C ARG A 1 -9.12 -2.98 -6.12
N TRP A 2 -8.13 -3.81 -5.77
CA TRP A 2 -7.27 -3.61 -4.62
C TRP A 2 -5.99 -3.01 -5.14
N VAL A 3 -5.62 -1.79 -4.65
CA VAL A 3 -4.55 -0.98 -5.17
C VAL A 3 -3.57 -0.65 -4.07
N ALA A 4 -2.25 -0.72 -4.39
CA ALA A 4 -1.16 -0.51 -3.46
C ALA A 4 -0.74 0.94 -3.40
N ARG A 5 -0.45 1.42 -2.17
CA ARG A 5 0.03 2.75 -1.89
C ARG A 5 1.48 2.68 -1.48
N ARG A 6 2.20 3.82 -1.65
CA ARG A 6 3.64 3.82 -1.77
C ARG A 6 4.35 4.46 -0.62
N ASP A 7 3.73 4.49 0.58
CA ASP A 7 4.41 4.90 1.79
C ASP A 7 5.15 3.70 2.33
N TYR A 8 6.44 3.56 1.94
CA TYR A 8 7.37 2.51 2.32
C TYR A 8 7.73 2.58 3.80
N ARG A 9 8.21 1.44 4.37
CA ARG A 9 8.57 1.33 5.77
C ARG A 9 10.00 0.85 5.86
N GLY A 10 10.77 1.36 6.86
CA GLY A 10 12.17 1.02 7.05
C GLY A 10 12.36 -0.39 7.51
N ASP A 11 13.11 -1.18 6.68
CA ASP A 11 13.54 -2.55 6.92
C ASP A 11 12.39 -3.55 6.85
N MET A 12 11.20 -3.12 6.38
CA MET A 12 10.02 -3.95 6.40
C MET A 12 9.28 -3.72 5.13
N GLY A 13 8.36 -4.67 4.80
CA GLY A 13 7.48 -4.60 3.65
C GLY A 13 6.34 -3.67 3.92
N PHE A 14 5.45 -3.47 2.92
CA PHE A 14 4.36 -2.52 3.01
C PHE A 14 3.07 -3.29 3.12
N ASP A 15 2.12 -2.70 3.89
CA ASP A 15 0.86 -3.33 4.22
C ASP A 15 -0.26 -2.38 3.86
N TYR A 16 0.08 -1.15 3.41
CA TYR A 16 -0.85 -0.10 3.11
C TYR A 16 -1.39 -0.30 1.71
N TRP A 17 -2.58 -0.93 1.64
CA TRP A 17 -3.30 -1.28 0.45
C TRP A 17 -4.73 -0.87 0.70
N VAL A 18 -5.41 -0.34 -0.34
CA VAL A 18 -6.75 0.22 -0.25
C VAL A 18 -7.52 -0.19 -1.48
N TRP A 19 -8.84 0.12 -1.48
CA TRP A 19 -9.75 -0.16 -2.57
C TRP A 19 -9.81 1.04 -3.49
N GLU A 20 -9.86 0.76 -4.81
CA GLU A 20 -10.10 1.71 -5.87
C GLU A 20 -11.21 1.10 -6.75
N ARG A 1 -10.61 -2.49 -7.80
CA ARG A 1 -9.58 -3.49 -7.37
C ARG A 1 -8.98 -3.04 -6.06
N TRP A 2 -7.98 -3.80 -5.57
CA TRP A 2 -7.16 -3.43 -4.44
C TRP A 2 -5.88 -2.88 -5.03
N VAL A 3 -5.47 -1.66 -4.61
CA VAL A 3 -4.30 -0.99 -5.13
C VAL A 3 -3.39 -0.60 -3.99
N ALA A 4 -2.09 -0.86 -4.20
CA ALA A 4 -1.01 -0.58 -3.28
C ALA A 4 -0.76 0.90 -3.11
N ARG A 5 -0.33 1.30 -1.90
CA ARG A 5 -0.01 2.65 -1.54
C ARG A 5 1.33 2.62 -0.85
N ARG A 6 2.08 3.72 -0.99
CA ARG A 6 3.46 3.83 -0.58
C ARG A 6 3.53 4.93 0.43
N ASP A 7 3.88 4.57 1.69
CA ASP A 7 4.00 5.49 2.80
C ASP A 7 5.47 5.82 2.96
N TYR A 8 6.31 5.30 2.04
CA TYR A 8 7.74 5.51 1.95
C TYR A 8 8.49 4.61 2.89
N ARG A 9 7.93 3.40 3.11
CA ARG A 9 8.54 2.43 3.98
C ARG A 9 8.51 1.13 3.25
N GLY A 10 9.44 0.22 3.66
CA GLY A 10 9.64 -1.06 3.02
C GLY A 10 10.38 -0.92 1.72
N ASP A 11 10.91 -2.06 1.24
CA ASP A 11 11.81 -2.12 0.10
C ASP A 11 11.06 -2.49 -1.14
N MET A 12 9.75 -2.82 -1.02
CA MET A 12 8.96 -3.39 -2.08
C MET A 12 8.19 -2.30 -2.78
N GLY A 13 8.30 -1.06 -2.26
CA GLY A 13 7.66 0.12 -2.80
C GLY A 13 6.22 0.24 -2.40
N PHE A 14 5.79 -0.45 -1.32
CA PHE A 14 4.42 -0.35 -0.86
C PHE A 14 4.42 -0.64 0.61
N ASP A 15 3.29 -0.32 1.29
CA ASP A 15 3.21 -0.46 2.73
C ASP A 15 1.75 -0.54 3.20
N TYR A 16 0.75 -0.18 2.37
CA TYR A 16 -0.63 -0.39 2.75
C TYR A 16 -1.43 -0.45 1.47
N TRP A 17 -2.74 -0.81 1.57
CA TRP A 17 -3.57 -1.05 0.41
C TRP A 17 -4.93 -0.44 0.68
N VAL A 18 -5.63 -0.06 -0.41
CA VAL A 18 -6.96 0.51 -0.36
C VAL A 18 -7.72 -0.13 -1.50
N TRP A 19 -9.08 -0.09 -1.42
CA TRP A 19 -9.99 -0.47 -2.47
C TRP A 19 -10.22 0.79 -3.27
N GLU A 20 -10.21 0.68 -4.61
CA GLU A 20 -10.29 1.80 -5.53
C GLU A 20 -11.68 2.47 -5.54
N ARG A 1 -10.91 -2.97 -7.13
CA ARG A 1 -9.70 -3.82 -6.90
C ARG A 1 -8.84 -3.25 -5.80
N TRP A 2 -7.85 -4.03 -5.32
CA TRP A 2 -6.92 -3.56 -4.31
C TRP A 2 -5.77 -2.91 -5.01
N VAL A 3 -5.48 -1.65 -4.63
CA VAL A 3 -4.43 -0.83 -5.18
C VAL A 3 -3.46 -0.63 -4.06
N ALA A 4 -2.14 -0.72 -4.34
CA ALA A 4 -1.11 -0.57 -3.33
C ALA A 4 -0.81 0.89 -3.11
N ARG A 5 -0.41 1.25 -1.87
CA ARG A 5 -0.03 2.61 -1.53
C ARG A 5 1.31 2.63 -0.85
N ARG A 6 2.09 3.68 -1.17
CA ARG A 6 3.42 3.89 -0.70
C ARG A 6 3.42 5.22 0.00
N ASP A 7 3.65 5.24 1.33
CA ASP A 7 3.61 6.45 2.13
C ASP A 7 5.03 6.86 2.52
N TYR A 8 6.04 6.08 2.07
CA TYR A 8 7.46 6.38 2.23
C TYR A 8 8.02 5.97 3.56
N ARG A 9 7.41 4.92 4.15
CA ARG A 9 7.81 4.33 5.40
C ARG A 9 8.53 3.05 5.06
N GLY A 10 8.22 1.94 5.78
CA GLY A 10 8.70 0.61 5.49
C GLY A 10 7.61 -0.16 4.78
N ASP A 11 6.46 0.51 4.54
CA ASP A 11 5.27 -0.02 3.91
C ASP A 11 5.47 -0.51 2.50
N MET A 12 6.16 0.29 1.65
CA MET A 12 6.68 -0.06 0.34
C MET A 12 5.69 -0.62 -0.69
N GLY A 13 4.36 -0.43 -0.47
CA GLY A 13 3.32 -0.92 -1.36
C GLY A 13 2.89 -2.32 -1.03
N PHE A 14 3.17 -2.79 0.20
CA PHE A 14 2.90 -4.17 0.57
C PHE A 14 2.14 -4.23 1.87
N ASP A 15 2.24 -3.19 2.72
CA ASP A 15 1.59 -3.18 4.01
C ASP A 15 0.38 -2.27 3.98
N TYR A 16 0.21 -1.50 2.89
CA TYR A 16 -0.77 -0.45 2.79
C TYR A 16 -1.50 -0.67 1.48
N TRP A 17 -2.83 -0.86 1.57
CA TRP A 17 -3.67 -1.24 0.47
C TRP A 17 -4.98 -0.52 0.62
N VAL A 18 -5.53 -0.02 -0.51
CA VAL A 18 -6.78 0.70 -0.58
C VAL A 18 -7.66 -0.02 -1.56
N TRP A 19 -9.00 0.05 -1.39
CA TRP A 19 -9.94 -0.48 -2.35
C TRP A 19 -10.30 0.64 -3.31
N GLU A 20 -9.93 0.44 -4.59
CA GLU A 20 -10.32 1.26 -5.71
C GLU A 20 -10.87 0.24 -6.73
N ARG A 1 -11.38 -1.96 -6.60
CA ARG A 1 -10.24 -2.85 -6.91
C ARG A 1 -9.08 -2.59 -5.99
N TRP A 2 -8.35 -3.64 -5.56
CA TRP A 2 -7.26 -3.50 -4.62
C TRP A 2 -6.02 -2.95 -5.25
N VAL A 3 -5.47 -1.85 -4.68
CA VAL A 3 -4.26 -1.19 -5.13
C VAL A 3 -3.47 -0.80 -3.91
N ALA A 4 -2.14 -0.57 -4.06
CA ALA A 4 -1.25 -0.25 -2.97
C ALA A 4 -0.75 1.15 -3.16
N ARG A 5 -0.61 1.90 -2.05
CA ARG A 5 -0.17 3.28 -2.03
C ARG A 5 1.30 3.35 -1.74
N ARG A 6 1.98 4.42 -2.24
CA ARG A 6 3.42 4.51 -2.26
C ARG A 6 4.07 4.87 -0.94
N ASP A 7 3.34 5.55 -0.02
CA ASP A 7 3.92 6.14 1.18
C ASP A 7 3.94 5.18 2.36
N TYR A 8 4.05 3.86 2.11
CA TYR A 8 4.18 2.86 3.15
C TYR A 8 5.50 3.04 3.89
N ARG A 9 5.53 2.70 5.21
CA ARG A 9 6.75 2.75 5.98
C ARG A 9 7.79 1.74 5.51
N GLY A 10 8.97 2.24 5.10
CA GLY A 10 10.02 1.48 4.46
C GLY A 10 10.78 0.62 5.42
N ASP A 11 10.71 0.95 6.73
CA ASP A 11 11.27 0.16 7.79
C ASP A 11 10.46 -1.11 8.02
N MET A 12 9.14 -1.08 7.66
CA MET A 12 8.20 -2.14 7.93
C MET A 12 7.85 -2.91 6.67
N GLY A 13 8.40 -2.48 5.50
CA GLY A 13 8.17 -3.09 4.19
C GLY A 13 6.77 -2.94 3.64
N PHE A 14 6.65 -3.30 2.34
CA PHE A 14 5.48 -3.31 1.46
C PHE A 14 4.15 -3.58 2.15
N ASP A 15 3.23 -2.60 2.08
CA ASP A 15 2.00 -2.56 2.85
C ASP A 15 1.17 -1.50 2.17
N TYR A 16 -0.05 -1.21 2.70
CA TYR A 16 -0.83 -0.01 2.46
C TYR A 16 -1.83 -0.24 1.34
N TRP A 17 -2.59 -1.35 1.42
CA TRP A 17 -3.58 -1.70 0.45
C TRP A 17 -4.89 -0.99 0.71
N VAL A 18 -5.44 -0.35 -0.35
CA VAL A 18 -6.67 0.42 -0.31
C VAL A 18 -7.49 -0.01 -1.48
N TRP A 19 -8.80 0.30 -1.44
CA TRP A 19 -9.77 -0.18 -2.39
C TRP A 19 -10.28 1.00 -3.19
N GLU A 20 -9.99 1.01 -4.52
CA GLU A 20 -10.33 2.08 -5.43
C GLU A 20 -11.06 1.49 -6.65
N ARG A 1 -10.93 -3.49 -7.25
CA ARG A 1 -9.60 -4.01 -6.90
C ARG A 1 -8.89 -3.23 -5.83
N TRP A 2 -8.09 -3.95 -5.01
CA TRP A 2 -7.09 -3.37 -4.15
C TRP A 2 -5.99 -2.80 -5.03
N VAL A 3 -5.54 -1.57 -4.74
CA VAL A 3 -4.53 -0.88 -5.50
C VAL A 3 -3.45 -0.54 -4.52
N ALA A 4 -2.18 -0.78 -4.92
CA ALA A 4 -0.99 -0.54 -4.14
C ALA A 4 -0.75 0.92 -3.88
N ARG A 5 -0.09 1.22 -2.74
CA ARG A 5 0.36 2.54 -2.38
C ARG A 5 1.75 2.36 -1.82
N ARG A 6 2.54 3.47 -1.81
CA ARG A 6 3.98 3.49 -1.63
C ARG A 6 4.59 2.94 -0.36
N ASP A 7 4.02 3.27 0.83
CA ASP A 7 4.64 3.10 2.13
C ASP A 7 5.15 1.70 2.43
N TYR A 8 6.26 1.62 3.20
CA TYR A 8 7.10 0.44 3.33
C TYR A 8 7.00 -0.16 4.72
N ARG A 9 6.95 -1.52 4.82
CA ARG A 9 6.98 -2.22 6.09
C ARG A 9 7.57 -3.59 5.83
N GLY A 10 8.32 -4.15 6.82
CA GLY A 10 8.86 -5.50 6.90
C GLY A 10 9.44 -6.13 5.65
N ASP A 11 9.31 -7.48 5.54
CA ASP A 11 9.75 -8.28 4.42
C ASP A 11 8.63 -8.36 3.40
N MET A 12 7.46 -7.79 3.75
CA MET A 12 6.29 -7.62 2.92
C MET A 12 6.58 -6.66 1.78
N GLY A 13 7.28 -5.56 2.13
CA GLY A 13 7.57 -4.44 1.26
C GLY A 13 6.50 -3.39 1.36
N PHE A 14 5.25 -3.79 1.72
CA PHE A 14 4.10 -2.92 1.72
C PHE A 14 3.67 -2.67 3.14
N ASP A 15 2.98 -1.52 3.34
CA ASP A 15 2.50 -1.08 4.61
C ASP A 15 0.98 -1.05 4.59
N TYR A 16 0.35 -0.47 3.53
CA TYR A 16 -1.10 -0.40 3.46
C TYR A 16 -1.51 -0.61 2.03
N TRP A 17 -2.83 -0.90 1.88
CA TRP A 17 -3.49 -1.23 0.66
C TRP A 17 -4.88 -0.66 0.77
N VAL A 18 -5.42 -0.09 -0.34
CA VAL A 18 -6.73 0.52 -0.36
C VAL A 18 -7.49 -0.05 -1.52
N TRP A 19 -8.83 -0.06 -1.43
CA TRP A 19 -9.72 -0.51 -2.48
C TRP A 19 -10.22 0.77 -3.12
N GLU A 20 -9.90 0.94 -4.43
CA GLU A 20 -10.14 2.17 -5.18
C GLU A 20 -11.54 2.23 -5.79
N ARG A 1 -10.65 -2.99 -7.54
CA ARG A 1 -9.68 -3.92 -6.93
C ARG A 1 -8.86 -3.29 -5.83
N TRP A 2 -8.02 -4.13 -5.18
CA TRP A 2 -6.98 -3.73 -4.28
C TRP A 2 -5.84 -3.04 -5.02
N VAL A 3 -5.36 -1.89 -4.50
CA VAL A 3 -4.29 -1.12 -5.10
C VAL A 3 -3.42 -0.62 -3.98
N ALA A 4 -2.08 -0.65 -4.16
CA ALA A 4 -1.14 -0.22 -3.14
C ALA A 4 -0.79 1.23 -3.40
N ARG A 5 -1.03 2.09 -2.39
CA ARG A 5 -0.86 3.53 -2.49
C ARG A 5 -0.21 3.93 -1.18
N ARG A 6 0.29 5.18 -1.07
CA ARG A 6 1.06 5.58 0.08
C ARG A 6 0.28 6.58 0.90
N ASP A 7 -0.12 6.17 2.13
CA ASP A 7 -0.70 7.04 3.13
C ASP A 7 0.32 7.29 4.20
N TYR A 8 1.51 6.64 4.11
CA TYR A 8 2.57 6.70 5.08
C TYR A 8 2.18 5.86 6.28
N ARG A 9 1.44 4.75 6.02
CA ARG A 9 1.00 3.80 7.01
C ARG A 9 1.42 2.42 6.57
N GLY A 10 1.45 1.49 7.54
CA GLY A 10 1.85 0.11 7.34
C GLY A 10 3.16 -0.10 8.04
N ASP A 11 3.64 -1.37 8.02
CA ASP A 11 4.82 -1.79 8.73
C ASP A 11 5.97 -2.08 7.79
N MET A 12 5.72 -2.22 6.47
CA MET A 12 6.76 -2.64 5.55
C MET A 12 6.88 -1.63 4.43
N GLY A 13 5.95 -0.64 4.35
CA GLY A 13 5.97 0.42 3.37
C GLY A 13 5.45 0.00 2.02
N PHE A 14 5.02 -1.28 1.90
CA PHE A 14 4.43 -1.81 0.70
C PHE A 14 3.15 -2.52 1.07
N ASP A 15 2.85 -2.60 2.37
CA ASP A 15 1.83 -3.46 2.90
C ASP A 15 0.52 -2.69 3.04
N TYR A 16 0.50 -1.44 2.54
CA TYR A 16 -0.69 -0.63 2.57
C TYR A 16 -1.44 -0.85 1.29
N TRP A 17 -2.79 -0.95 1.41
CA TRP A 17 -3.69 -1.18 0.31
C TRP A 17 -4.91 -0.33 0.57
N VAL A 18 -5.61 0.07 -0.51
CA VAL A 18 -6.89 0.74 -0.45
C VAL A 18 -7.71 0.09 -1.53
N TRP A 19 -9.04 0.31 -1.50
CA TRP A 19 -9.97 -0.29 -2.42
C TRP A 19 -10.46 0.86 -3.27
N GLU A 20 -10.48 0.66 -4.61
CA GLU A 20 -10.78 1.66 -5.61
C GLU A 20 -12.22 2.23 -5.51
N ARG A 1 -11.05 -2.43 -6.70
CA ARG A 1 -9.79 -3.21 -6.82
C ARG A 1 -8.82 -2.86 -5.72
N TRP A 2 -8.03 -3.84 -5.23
CA TRP A 2 -7.02 -3.60 -4.21
C TRP A 2 -5.80 -3.00 -4.87
N VAL A 3 -5.45 -1.77 -4.43
CA VAL A 3 -4.45 -0.92 -5.06
C VAL A 3 -3.38 -0.59 -4.05
N ALA A 4 -2.11 -0.58 -4.51
CA ALA A 4 -0.94 -0.29 -3.72
C ALA A 4 -0.70 1.19 -3.57
N ARG A 5 0.00 1.57 -2.46
CA ARG A 5 0.30 2.94 -2.13
C ARG A 5 1.79 3.16 -2.00
N ARG A 6 2.28 4.28 -2.59
CA ARG A 6 3.68 4.60 -2.79
C ARG A 6 4.47 4.80 -1.52
N ASP A 7 3.85 5.39 -0.47
CA ASP A 7 4.50 5.84 0.74
C ASP A 7 4.96 4.70 1.63
N TYR A 8 4.31 3.51 1.54
CA TYR A 8 4.78 2.30 2.19
C TYR A 8 5.80 1.67 1.26
N ARG A 9 6.78 0.93 1.83
CA ARG A 9 8.00 0.56 1.16
C ARG A 9 8.19 -0.93 1.07
N GLY A 10 8.94 -1.36 0.02
CA GLY A 10 9.28 -2.74 -0.27
C GLY A 10 10.17 -3.38 0.75
N ASP A 11 10.43 -4.70 0.56
CA ASP A 11 11.22 -5.57 1.42
C ASP A 11 10.61 -5.85 2.78
N MET A 12 9.60 -5.08 3.23
CA MET A 12 8.92 -5.29 4.50
C MET A 12 7.78 -6.26 4.36
N GLY A 13 7.33 -6.51 3.10
CA GLY A 13 6.12 -7.25 2.80
C GLY A 13 5.02 -6.23 2.75
N PHE A 14 4.38 -6.09 1.56
CA PHE A 14 3.48 -5.00 1.29
C PHE A 14 2.27 -4.91 2.18
N ASP A 15 1.92 -3.65 2.48
CA ASP A 15 0.86 -3.26 3.35
C ASP A 15 0.41 -1.96 2.73
N TYR A 16 -0.69 -1.37 3.26
CA TYR A 16 -1.24 -0.10 2.84
C TYR A 16 -1.99 -0.33 1.54
N TRP A 17 -2.71 -1.48 1.46
CA TRP A 17 -3.60 -1.80 0.37
C TRP A 17 -4.90 -1.07 0.60
N VAL A 18 -5.42 -0.43 -0.46
CA VAL A 18 -6.58 0.43 -0.40
C VAL A 18 -7.51 -0.02 -1.49
N TRP A 19 -8.80 0.33 -1.40
CA TRP A 19 -9.80 -0.11 -2.34
C TRP A 19 -10.16 1.05 -3.25
N GLU A 20 -9.93 0.88 -4.56
CA GLU A 20 -10.29 1.88 -5.55
C GLU A 20 -11.44 1.34 -6.42
N ARG A 1 -11.20 -2.26 -6.81
CA ARG A 1 -10.09 -3.24 -6.69
C ARG A 1 -8.98 -2.76 -5.80
N TRP A 2 -8.18 -3.71 -5.26
CA TRP A 2 -7.10 -3.42 -4.35
C TRP A 2 -5.91 -2.80 -5.08
N VAL A 3 -5.50 -1.60 -4.63
CA VAL A 3 -4.42 -0.81 -5.18
C VAL A 3 -3.50 -0.48 -4.03
N ALA A 4 -2.19 -0.79 -4.18
CA ALA A 4 -1.19 -0.51 -3.16
C ALA A 4 -0.77 0.93 -3.28
N ARG A 5 -0.49 1.58 -2.13
CA ARG A 5 -0.15 2.97 -2.05
C ARG A 5 1.26 3.09 -1.53
N ARG A 6 2.03 4.00 -2.17
CA ARG A 6 3.46 4.18 -2.10
C ARG A 6 4.04 4.46 -0.73
N ASP A 7 3.34 5.19 0.16
CA ASP A 7 3.80 5.63 1.47
C ASP A 7 3.98 4.52 2.53
N TYR A 8 3.98 3.22 2.12
CA TYR A 8 4.10 2.04 2.95
C TYR A 8 5.35 1.93 3.83
N ARG A 9 5.23 1.17 4.94
CA ARG A 9 6.32 0.77 5.82
C ARG A 9 7.31 -0.19 5.21
N GLY A 10 8.61 0.01 5.53
CA GLY A 10 9.71 -0.84 5.13
C GLY A 10 9.63 -2.23 5.69
N ASP A 11 10.26 -3.19 4.95
CA ASP A 11 10.49 -4.55 5.33
C ASP A 11 9.22 -5.41 5.32
N MET A 12 8.06 -4.86 4.85
CA MET A 12 6.80 -5.57 4.89
C MET A 12 6.43 -6.17 3.56
N GLY A 13 7.21 -5.88 2.49
CA GLY A 13 6.83 -6.23 1.13
C GLY A 13 5.75 -5.28 0.69
N PHE A 14 4.47 -5.72 0.79
CA PHE A 14 3.31 -4.91 0.52
C PHE A 14 2.62 -4.60 1.82
N ASP A 15 2.31 -3.30 2.00
CA ASP A 15 1.61 -2.74 3.13
C ASP A 15 0.89 -1.59 2.48
N TYR A 16 -0.29 -1.20 3.04
CA TYR A 16 -1.04 -0.03 2.63
C TYR A 16 -1.85 -0.37 1.38
N TRP A 17 -2.69 -1.43 1.45
CA TRP A 17 -3.62 -1.78 0.42
C TRP A 17 -4.87 -0.94 0.56
N VAL A 18 -5.37 -0.36 -0.55
CA VAL A 18 -6.49 0.55 -0.59
C VAL A 18 -7.44 0.00 -1.61
N TRP A 19 -8.76 0.01 -1.32
CA TRP A 19 -9.76 -0.40 -2.27
C TRP A 19 -10.23 0.83 -2.99
N GLU A 20 -9.92 0.94 -4.31
CA GLU A 20 -10.31 2.06 -5.14
C GLU A 20 -10.91 1.49 -6.44
N ARG A 1 -10.53 -2.56 -8.10
CA ARG A 1 -9.47 -3.49 -7.59
C ARG A 1 -8.91 -3.02 -6.28
N TRP A 2 -8.00 -3.82 -5.68
CA TRP A 2 -7.15 -3.40 -4.60
C TRP A 2 -5.96 -2.65 -5.20
N VAL A 3 -5.53 -1.55 -4.55
CA VAL A 3 -4.40 -0.74 -4.98
C VAL A 3 -3.44 -0.69 -3.83
N ALA A 4 -2.13 -0.81 -4.12
CA ALA A 4 -1.10 -0.77 -3.11
C ALA A 4 -0.40 0.57 -3.21
N ARG A 5 -0.64 1.46 -2.22
CA ARG A 5 -0.01 2.76 -2.08
C ARG A 5 1.46 2.63 -1.85
N ARG A 6 2.25 3.57 -2.44
CA ARG A 6 3.67 3.38 -2.51
C ARG A 6 4.45 4.66 -2.59
N ASP A 7 5.62 4.68 -1.90
CA ASP A 7 6.66 5.66 -2.08
C ASP A 7 7.70 4.96 -2.92
N TYR A 8 8.12 5.61 -4.02
CA TYR A 8 9.09 5.09 -4.95
C TYR A 8 10.46 5.57 -4.57
N ARG A 9 10.56 6.15 -3.35
CA ARG A 9 11.76 6.68 -2.80
C ARG A 9 12.40 5.62 -1.93
N GLY A 10 13.74 5.46 -2.06
CA GLY A 10 14.55 4.46 -1.40
C GLY A 10 14.02 3.06 -1.51
N ASP A 11 14.22 2.25 -0.44
CA ASP A 11 13.70 0.91 -0.32
C ASP A 11 12.42 0.96 0.49
N MET A 12 11.88 2.19 0.74
CA MET A 12 10.70 2.42 1.55
C MET A 12 9.46 1.75 0.99
N GLY A 13 9.29 1.80 -0.35
CA GLY A 13 8.29 1.08 -1.12
C GLY A 13 6.86 1.16 -0.64
N PHE A 14 6.18 -0.01 -0.74
CA PHE A 14 4.83 -0.33 -0.32
C PHE A 14 4.45 0.21 1.06
N ASP A 15 3.32 0.95 1.11
CA ASP A 15 2.83 1.65 2.28
C ASP A 15 1.64 0.87 2.80
N TYR A 16 0.53 0.75 2.02
CA TYR A 16 -0.66 0.03 2.47
C TYR A 16 -1.60 -0.28 1.32
N TRP A 17 -2.57 -1.21 1.54
CA TRP A 17 -3.63 -1.53 0.60
C TRP A 17 -4.83 -0.63 0.78
N VAL A 18 -5.56 -0.34 -0.33
CA VAL A 18 -6.82 0.40 -0.37
C VAL A 18 -7.64 -0.19 -1.50
N TRP A 19 -8.98 0.03 -1.48
CA TRP A 19 -9.88 -0.41 -2.51
C TRP A 19 -10.15 0.77 -3.43
N GLU A 20 -9.88 0.61 -4.75
CA GLU A 20 -9.98 1.63 -5.76
C GLU A 20 -10.75 1.07 -6.98
N ARG A 1 -11.02 -3.16 -6.71
CA ARG A 1 -9.70 -3.85 -6.64
C ARG A 1 -8.80 -3.23 -5.61
N TRP A 2 -7.85 -4.02 -5.07
CA TRP A 2 -6.90 -3.54 -4.09
C TRP A 2 -5.76 -2.92 -4.86
N VAL A 3 -5.46 -1.64 -4.54
CA VAL A 3 -4.50 -0.85 -5.26
C VAL A 3 -3.44 -0.48 -4.25
N ALA A 4 -2.16 -0.63 -4.66
CA ALA A 4 -0.99 -0.45 -3.85
C ALA A 4 -0.82 0.95 -3.32
N ARG A 5 -0.31 1.05 -2.08
CA ARG A 5 -0.06 2.28 -1.38
C ARG A 5 1.19 2.08 -0.58
N ARG A 6 1.97 3.16 -0.33
CA ARG A 6 3.28 3.02 0.25
C ARG A 6 3.65 4.15 1.19
N ASP A 7 2.99 5.33 1.06
CA ASP A 7 3.19 6.50 1.89
C ASP A 7 4.62 7.05 1.93
N TYR A 8 4.85 8.02 2.86
CA TYR A 8 6.14 8.62 3.12
C TYR A 8 6.54 8.32 4.55
N ARG A 9 5.87 7.30 5.14
CA ARG A 9 6.14 6.79 6.47
C ARG A 9 6.55 5.36 6.30
N GLY A 10 7.70 4.98 6.92
CA GLY A 10 8.36 3.69 6.80
C GLY A 10 7.50 2.48 7.10
N ASP A 11 7.82 1.36 6.40
CA ASP A 11 7.23 0.04 6.61
C ASP A 11 5.79 -0.05 6.15
N MET A 12 5.31 0.95 5.35
CA MET A 12 3.94 0.99 4.88
C MET A 12 3.81 0.43 3.48
N GLY A 13 4.94 0.05 2.81
CA GLY A 13 5.01 -0.27 1.40
C GLY A 13 4.14 -1.41 0.89
N PHE A 14 4.02 -2.50 1.68
CA PHE A 14 3.41 -3.73 1.22
C PHE A 14 2.16 -4.03 2.00
N ASP A 15 1.89 -3.24 3.05
CA ASP A 15 0.92 -3.59 4.05
C ASP A 15 -0.32 -2.73 3.87
N TYR A 16 -0.11 -1.55 3.28
CA TYR A 16 -1.09 -0.52 3.06
C TYR A 16 -1.71 -0.78 1.70
N TRP A 17 -3.02 -1.10 1.69
CA TRP A 17 -3.75 -1.37 0.47
C TRP A 17 -5.10 -0.71 0.59
N VAL A 18 -5.46 0.08 -0.45
CA VAL A 18 -6.68 0.84 -0.52
C VAL A 18 -7.50 0.22 -1.62
N TRP A 19 -8.81 0.03 -1.36
CA TRP A 19 -9.73 -0.55 -2.32
C TRP A 19 -10.26 0.55 -3.22
N GLU A 20 -10.05 0.42 -4.55
CA GLU A 20 -10.55 1.33 -5.56
C GLU A 20 -11.41 0.53 -6.54
N ARG A 1 -10.72 -2.76 -7.16
CA ARG A 1 -9.47 -3.51 -6.87
C ARG A 1 -8.69 -2.93 -5.72
N TRP A 2 -7.78 -3.77 -5.19
CA TRP A 2 -6.82 -3.41 -4.21
C TRP A 2 -5.67 -2.80 -4.94
N VAL A 3 -5.32 -1.55 -4.59
CA VAL A 3 -4.19 -0.86 -5.13
C VAL A 3 -3.37 -0.49 -3.94
N ALA A 4 -2.09 -0.91 -3.96
CA ALA A 4 -1.13 -0.55 -2.94
C ALA A 4 -0.69 0.85 -3.23
N ARG A 5 -0.86 1.75 -2.24
CA ARG A 5 -0.52 3.14 -2.38
C ARG A 5 0.98 3.31 -2.51
N ARG A 6 1.38 4.45 -3.12
CA ARG A 6 2.65 4.62 -3.77
C ARG A 6 3.90 4.64 -2.91
N ASP A 7 3.78 4.67 -1.57
CA ASP A 7 4.92 4.78 -0.67
C ASP A 7 5.45 3.40 -0.29
N TYR A 8 5.02 2.35 -1.04
CA TYR A 8 5.41 0.96 -0.88
C TYR A 8 6.86 0.73 -1.27
N ARG A 9 7.52 -0.28 -0.65
CA ARG A 9 8.86 -0.70 -0.99
C ARG A 9 8.84 -2.15 -1.39
N GLY A 10 9.44 -2.45 -2.57
CA GLY A 10 9.39 -3.70 -3.28
C GLY A 10 9.84 -4.93 -2.52
N ASP A 11 10.88 -4.82 -1.67
CA ASP A 11 11.47 -5.97 -1.01
C ASP A 11 10.98 -6.11 0.42
N MET A 12 9.96 -5.32 0.84
CA MET A 12 9.49 -5.34 2.21
C MET A 12 8.33 -6.28 2.43
N GLY A 13 7.69 -6.80 1.35
CA GLY A 13 6.46 -7.58 1.45
C GLY A 13 5.30 -6.66 1.75
N PHE A 14 5.39 -5.44 1.21
CA PHE A 14 4.57 -4.26 1.36
C PHE A 14 3.09 -4.35 1.69
N ASP A 15 2.61 -3.35 2.48
CA ASP A 15 1.24 -3.17 2.92
C ASP A 15 0.62 -2.09 2.06
N TYR A 16 -0.44 -1.42 2.60
CA TYR A 16 -0.93 -0.14 2.17
C TYR A 16 -1.99 -0.32 1.10
N TRP A 17 -2.84 -1.35 1.23
CA TRP A 17 -3.81 -1.74 0.25
C TRP A 17 -5.11 -1.01 0.46
N VAL A 18 -5.55 -0.20 -0.54
CA VAL A 18 -6.74 0.61 -0.46
C VAL A 18 -7.67 0.17 -1.56
N TRP A 19 -9.00 0.11 -1.26
CA TRP A 19 -9.99 -0.34 -2.19
C TRP A 19 -10.53 0.81 -3.01
N GLU A 20 -10.40 0.68 -4.35
CA GLU A 20 -11.06 1.52 -5.32
C GLU A 20 -11.79 0.56 -6.28
N ARG A 1 -10.85 -2.92 -7.42
CA ARG A 1 -9.85 -3.82 -6.79
C ARG A 1 -8.89 -3.12 -5.86
N TRP A 2 -8.13 -3.92 -5.05
CA TRP A 2 -7.08 -3.44 -4.19
C TRP A 2 -5.95 -2.85 -5.02
N VAL A 3 -5.50 -1.63 -4.67
CA VAL A 3 -4.47 -0.90 -5.37
C VAL A 3 -3.41 -0.54 -4.35
N ALA A 4 -2.13 -0.60 -4.80
CA ALA A 4 -0.96 -0.51 -3.96
C ALA A 4 -0.62 0.90 -3.52
N ARG A 5 -0.01 0.99 -2.32
CA ARG A 5 0.32 2.21 -1.63
C ARG A 5 1.65 2.03 -0.96
N ARG A 6 2.18 3.13 -0.35
CA ARG A 6 3.56 3.21 0.05
C ARG A 6 3.70 3.37 1.55
N ASP A 7 3.87 4.63 2.00
CA ASP A 7 4.12 5.17 3.33
C ASP A 7 4.64 4.23 4.38
N TYR A 8 5.96 3.96 4.30
CA TYR A 8 6.65 2.92 5.04
C TYR A 8 7.11 3.29 6.41
N ARG A 9 6.24 3.97 7.19
CA ARG A 9 6.41 4.11 8.61
C ARG A 9 6.21 2.74 9.23
N GLY A 10 7.14 2.29 10.12
CA GLY A 10 7.07 1.01 10.79
C GLY A 10 6.80 -0.17 9.87
N ASP A 11 5.82 -1.01 10.26
CA ASP A 11 5.34 -2.10 9.45
C ASP A 11 3.99 -1.72 8.87
N MET A 12 3.58 -0.45 9.06
CA MET A 12 2.25 0.04 8.77
C MET A 12 2.09 0.37 7.31
N GLY A 13 3.20 0.57 6.56
CA GLY A 13 3.20 0.79 5.13
C GLY A 13 3.14 -0.49 4.37
N PHE A 14 3.63 -1.60 4.99
CA PHE A 14 3.62 -2.94 4.43
C PHE A 14 2.20 -3.42 4.25
N ASP A 15 1.33 -3.05 5.22
CA ASP A 15 -0.05 -3.46 5.32
C ASP A 15 -0.94 -2.47 4.57
N TYR A 16 -0.34 -1.49 3.86
CA TYR A 16 -1.07 -0.39 3.29
C TYR A 16 -1.55 -0.76 1.89
N TRP A 17 -2.87 -0.97 1.77
CA TRP A 17 -3.55 -1.30 0.54
C TRP A 17 -4.91 -0.66 0.66
N VAL A 18 -5.43 -0.06 -0.43
CA VAL A 18 -6.73 0.60 -0.43
C VAL A 18 -7.53 0.04 -1.56
N TRP A 19 -8.88 0.04 -1.41
CA TRP A 19 -9.78 -0.49 -2.38
C TRP A 19 -10.20 0.66 -3.27
N GLU A 20 -10.23 0.42 -4.60
CA GLU A 20 -10.65 1.37 -5.59
C GLU A 20 -11.87 0.71 -6.28
N ARG A 1 -11.19 -1.86 -7.77
CA ARG A 1 -10.05 -2.82 -7.69
C ARG A 1 -9.08 -2.44 -6.60
N TRP A 2 -8.41 -3.43 -5.96
CA TRP A 2 -7.36 -3.18 -4.98
C TRP A 2 -6.12 -2.54 -5.57
N VAL A 3 -5.46 -1.68 -4.75
CA VAL A 3 -4.28 -0.91 -5.09
C VAL A 3 -3.43 -0.91 -3.84
N ALA A 4 -2.09 -1.04 -3.97
CA ALA A 4 -1.19 -0.82 -2.88
C ALA A 4 -0.56 0.52 -3.17
N ARG A 5 -0.63 1.47 -2.21
CA ARG A 5 -0.12 2.82 -2.34
C ARG A 5 1.40 2.87 -2.42
N ARG A 6 1.95 4.05 -2.81
CA ARG A 6 3.35 4.26 -3.06
C ARG A 6 4.22 4.33 -1.82
N ASP A 7 3.66 4.64 -0.63
CA ASP A 7 4.47 4.81 0.57
C ASP A 7 4.59 3.50 1.34
N TYR A 8 4.24 2.33 0.73
CA TYR A 8 4.27 1.02 1.35
C TYR A 8 5.64 0.62 1.92
N ARG A 9 5.65 -0.04 3.10
CA ARG A 9 6.87 -0.53 3.72
C ARG A 9 7.39 -1.79 3.06
N GLY A 10 8.74 -1.88 2.94
CA GLY A 10 9.44 -2.98 2.31
C GLY A 10 9.26 -4.33 2.96
N ASP A 11 9.37 -5.39 2.13
CA ASP A 11 9.30 -6.81 2.46
C ASP A 11 8.18 -7.22 3.41
N MET A 12 6.99 -6.63 3.19
CA MET A 12 5.79 -7.01 3.89
C MET A 12 4.86 -7.67 2.90
N GLY A 13 5.36 -7.96 1.67
CA GLY A 13 4.57 -8.50 0.58
C GLY A 13 3.60 -7.47 0.09
N PHE A 14 4.08 -6.20 0.09
CA PHE A 14 3.32 -4.98 -0.16
C PHE A 14 2.60 -4.56 1.10
N ASP A 15 2.18 -3.27 1.14
CA ASP A 15 1.62 -2.66 2.32
C ASP A 15 0.84 -1.45 1.83
N TYR A 16 -0.07 -0.92 2.67
CA TYR A 16 -0.83 0.30 2.42
C TYR A 16 -1.87 0.04 1.35
N TRP A 17 -2.49 -1.17 1.44
CA TRP A 17 -3.54 -1.65 0.58
C TRP A 17 -4.81 -0.86 0.76
N VAL A 18 -5.43 -0.42 -0.36
CA VAL A 18 -6.62 0.39 -0.38
C VAL A 18 -7.49 -0.15 -1.48
N TRP A 19 -8.82 -0.06 -1.27
CA TRP A 19 -9.81 -0.55 -2.19
C TRP A 19 -10.27 0.66 -2.99
N GLU A 20 -9.95 0.67 -4.30
CA GLU A 20 -10.24 1.73 -5.24
C GLU A 20 -11.40 1.33 -6.18
N ARG A 1 -11.22 -2.89 -6.36
CA ARG A 1 -9.98 -3.69 -6.47
C ARG A 1 -8.92 -3.23 -5.51
N TRP A 2 -7.91 -4.09 -5.20
CA TRP A 2 -6.88 -3.74 -4.24
C TRP A 2 -5.72 -3.10 -4.96
N VAL A 3 -5.48 -1.80 -4.68
CA VAL A 3 -4.45 -1.00 -5.29
C VAL A 3 -3.56 -0.52 -4.16
N ALA A 4 -2.23 -0.54 -4.38
CA ALA A 4 -1.25 -0.15 -3.40
C ALA A 4 -1.00 1.34 -3.40
N ARG A 5 -0.57 1.87 -2.24
CA ARG A 5 -0.16 3.25 -2.07
C ARG A 5 1.28 3.24 -1.61
N ARG A 6 2.14 4.03 -2.29
CA ARG A 6 3.55 4.18 -1.96
C ARG A 6 3.76 4.89 -0.64
N ASP A 7 4.68 4.36 0.20
CA ASP A 7 5.00 4.97 1.48
C ASP A 7 6.31 4.39 1.99
N TYR A 8 7.00 3.55 1.16
CA TYR A 8 8.32 3.01 1.45
C TYR A 8 8.23 1.98 2.56
N ARG A 9 7.10 1.26 2.54
CA ARG A 9 6.61 0.36 3.55
C ARG A 9 5.34 -0.12 2.93
N GLY A 10 4.51 0.85 2.45
CA GLY A 10 3.38 0.60 1.60
C GLY A 10 3.88 0.38 0.20
N ASP A 11 3.18 -0.49 -0.56
CA ASP A 11 3.55 -0.88 -1.90
C ASP A 11 4.78 -1.76 -1.88
N MET A 12 4.86 -2.65 -0.88
CA MET A 12 5.85 -3.71 -0.85
C MET A 12 5.10 -5.03 -0.90
N GLY A 13 3.74 -4.96 -0.95
CA GLY A 13 2.85 -6.07 -1.22
C GLY A 13 2.17 -6.61 0.01
N PHE A 14 2.53 -6.08 1.21
CA PHE A 14 2.09 -6.66 2.46
C PHE A 14 1.27 -5.69 3.27
N ASP A 15 1.32 -4.38 2.95
CA ASP A 15 0.65 -3.41 3.77
C ASP A 15 0.38 -2.20 2.91
N TYR A 16 -0.69 -1.47 3.29
CA TYR A 16 -1.13 -0.22 2.72
C TYR A 16 -1.90 -0.48 1.44
N TRP A 17 -2.84 -1.47 1.52
CA TRP A 17 -3.73 -1.84 0.45
C TRP A 17 -5.02 -1.08 0.59
N VAL A 18 -5.38 -0.34 -0.48
CA VAL A 18 -6.45 0.62 -0.50
C VAL A 18 -7.41 0.19 -1.57
N TRP A 19 -8.72 0.32 -1.31
CA TRP A 19 -9.73 -0.09 -2.25
C TRP A 19 -9.98 1.01 -3.28
N GLU A 20 -9.75 0.65 -4.56
CA GLU A 20 -9.98 1.45 -5.72
C GLU A 20 -11.32 1.01 -6.34
N ARG A 1 -10.77 -2.94 -7.53
CA ARG A 1 -9.40 -3.48 -7.36
C ARG A 1 -8.76 -3.06 -6.06
N TRP A 2 -7.81 -3.88 -5.56
CA TRP A 2 -7.08 -3.64 -4.34
C TRP A 2 -5.75 -3.07 -4.78
N VAL A 3 -5.46 -1.84 -4.32
CA VAL A 3 -4.47 -0.96 -4.92
C VAL A 3 -3.41 -0.61 -3.94
N ALA A 4 -2.12 -0.79 -4.34
CA ALA A 4 -0.94 -0.45 -3.58
C ALA A 4 -0.75 1.06 -3.48
N ARG A 5 -0.24 1.53 -2.32
CA ARG A 5 0.03 2.93 -2.06
C ARG A 5 1.52 3.17 -1.93
N ARG A 6 1.92 4.19 -1.14
CA ARG A 6 3.27 4.72 -1.07
C ARG A 6 4.37 3.77 -0.65
N ASP A 7 4.12 2.92 0.37
CA ASP A 7 5.08 2.06 1.03
C ASP A 7 6.37 2.78 1.40
N TYR A 8 6.29 4.00 1.99
CA TYR A 8 7.45 4.81 2.33
C TYR A 8 8.23 4.14 3.46
N ARG A 9 7.50 3.47 4.38
CA ARG A 9 8.09 2.76 5.48
C ARG A 9 6.92 1.98 6.04
N GLY A 10 6.86 0.66 5.72
CA GLY A 10 5.79 -0.22 6.11
C GLY A 10 6.19 -1.11 7.25
N ASP A 11 5.19 -1.87 7.78
CA ASP A 11 5.38 -2.79 8.89
C ASP A 11 5.65 -4.18 8.36
N MET A 12 5.38 -4.42 7.05
CA MET A 12 5.53 -5.71 6.41
C MET A 12 6.39 -5.43 5.19
N GLY A 13 6.11 -6.09 4.03
CA GLY A 13 6.81 -5.83 2.79
C GLY A 13 6.27 -4.57 2.15
N PHE A 14 4.99 -4.30 2.42
CA PHE A 14 4.26 -3.15 1.99
C PHE A 14 3.95 -2.37 3.23
N ASP A 15 3.33 -1.18 3.07
CA ASP A 15 2.76 -0.46 4.18
C ASP A 15 1.27 -0.74 4.16
N TYR A 16 0.54 -0.32 3.09
CA TYR A 16 -0.91 -0.47 3.08
C TYR A 16 -1.41 -0.44 1.66
N TRP A 17 -2.67 -0.94 1.49
CA TRP A 17 -3.34 -1.07 0.21
C TRP A 17 -4.77 -0.61 0.46
N VAL A 18 -5.51 -0.22 -0.61
CA VAL A 18 -6.82 0.42 -0.53
C VAL A 18 -7.75 -0.10 -1.61
N TRP A 19 -9.07 0.10 -1.44
CA TRP A 19 -10.08 -0.25 -2.42
C TRP A 19 -10.28 0.89 -3.40
N GLU A 20 -10.13 0.61 -4.71
CA GLU A 20 -10.37 1.56 -5.79
C GLU A 20 -11.41 0.95 -6.76
N ARG A 1 -10.64 -3.29 -6.95
CA ARG A 1 -9.52 -4.13 -6.47
C ARG A 1 -8.71 -3.41 -5.42
N TRP A 2 -7.76 -4.13 -4.79
CA TRP A 2 -6.78 -3.56 -3.90
C TRP A 2 -5.68 -2.89 -4.71
N VAL A 3 -5.37 -1.62 -4.42
CA VAL A 3 -4.27 -0.89 -5.00
C VAL A 3 -3.35 -0.47 -3.87
N ALA A 4 -2.02 -0.63 -4.04
CA ALA A 4 -1.07 -0.23 -3.03
C ALA A 4 -0.76 1.24 -3.21
N ARG A 5 -1.32 2.10 -2.32
CA ARG A 5 -1.08 3.53 -2.42
C ARG A 5 -1.35 4.11 -1.07
N ARG A 6 -0.93 5.39 -0.88
CA ARG A 6 -1.09 6.10 0.35
C ARG A 6 -2.42 6.82 0.37
N ASP A 7 -3.20 6.60 1.45
CA ASP A 7 -4.51 7.19 1.63
C ASP A 7 -4.39 8.25 2.70
N TYR A 8 -3.17 8.46 3.24
CA TYR A 8 -2.84 9.53 4.16
C TYR A 8 -3.41 9.29 5.53
N ARG A 9 -3.55 7.99 5.93
CA ARG A 9 -4.24 7.65 7.14
C ARG A 9 -3.54 6.60 7.96
N GLY A 10 -3.81 6.64 9.29
CA GLY A 10 -3.25 5.74 10.27
C GLY A 10 -1.83 6.07 10.61
N ASP A 11 -1.20 5.15 11.39
CA ASP A 11 0.15 5.29 11.91
C ASP A 11 1.06 4.33 11.16
N MET A 12 0.59 3.84 10.00
CA MET A 12 1.19 2.80 9.20
C MET A 12 2.53 3.14 8.58
N GLY A 13 2.69 4.38 8.02
CA GLY A 13 3.93 4.85 7.44
C GLY A 13 4.14 4.40 6.01
N PHE A 14 4.07 3.06 5.78
CA PHE A 14 4.30 2.38 4.53
C PHE A 14 3.08 2.41 3.63
N ASP A 15 3.18 1.87 2.40
CA ASP A 15 2.06 1.75 1.50
C ASP A 15 1.24 0.54 1.85
N TYR A 16 -0.08 0.64 1.62
CA TYR A 16 -1.03 -0.33 2.09
C TYR A 16 -2.12 -0.45 1.06
N TRP A 17 -2.89 -1.55 1.16
CA TRP A 17 -3.94 -1.87 0.22
C TRP A 17 -5.17 -1.01 0.44
N VAL A 18 -5.54 -0.23 -0.60
CA VAL A 18 -6.64 0.71 -0.62
C VAL A 18 -7.61 0.17 -1.61
N TRP A 19 -8.92 0.25 -1.34
CA TRP A 19 -9.90 -0.26 -2.28
C TRP A 19 -10.27 0.87 -3.22
N GLU A 20 -10.10 0.65 -4.54
CA GLU A 20 -10.29 1.64 -5.57
C GLU A 20 -11.74 2.14 -5.70
N ARG A 1 -10.34 -2.81 -7.51
CA ARG A 1 -9.09 -3.52 -7.16
C ARG A 1 -8.42 -2.99 -5.93
N TRP A 2 -7.47 -3.78 -5.35
CA TRP A 2 -6.68 -3.37 -4.21
C TRP A 2 -5.46 -2.65 -4.73
N VAL A 3 -5.35 -1.34 -4.41
CA VAL A 3 -4.35 -0.45 -4.99
C VAL A 3 -3.03 -0.66 -4.29
N ALA A 4 -1.94 -0.72 -5.08
CA ALA A 4 -0.61 -1.04 -4.60
C ALA A 4 0.27 0.19 -4.65
N ARG A 5 0.84 0.53 -3.47
CA ARG A 5 1.90 1.50 -3.30
C ARG A 5 1.44 2.92 -3.56
N ARG A 6 0.12 3.20 -3.33
CA ARG A 6 -0.50 4.50 -3.49
C ARG A 6 0.14 5.56 -2.63
N ASP A 7 0.43 5.15 -1.37
CA ASP A 7 1.24 5.85 -0.43
C ASP A 7 1.94 4.69 0.20
N TYR A 8 3.27 4.76 0.42
CA TYR A 8 4.00 3.66 1.02
C TYR A 8 3.68 3.64 2.51
N ARG A 9 3.75 2.46 3.17
CA ARG A 9 3.55 2.40 4.60
C ARG A 9 4.23 1.13 5.07
N GLY A 10 4.55 1.02 6.38
CA GLY A 10 5.11 -0.17 6.97
C GLY A 10 6.60 -0.16 7.02
N ASP A 11 7.19 -1.30 7.49
CA ASP A 11 8.61 -1.45 7.73
C ASP A 11 9.44 -1.22 6.48
N MET A 12 9.02 -1.82 5.34
CA MET A 12 9.78 -1.77 4.11
C MET A 12 8.99 -1.09 3.02
N GLY A 13 7.78 -0.56 3.34
CA GLY A 13 7.02 0.30 2.44
C GLY A 13 5.96 -0.42 1.65
N PHE A 14 5.58 -1.66 2.03
CA PHE A 14 4.66 -2.48 1.26
C PHE A 14 3.29 -2.58 1.86
N ASP A 15 3.14 -2.19 3.15
CA ASP A 15 1.88 -2.11 3.86
C ASP A 15 1.08 -0.93 3.28
N TYR A 16 -0.25 -0.94 3.50
CA TYR A 16 -1.25 0.01 3.05
C TYR A 16 -1.83 -0.43 1.74
N TRP A 17 -3.04 -1.03 1.82
CA TRP A 17 -3.78 -1.58 0.70
C TRP A 17 -5.20 -1.13 0.82
N VAL A 18 -5.67 -0.34 -0.18
CA VAL A 18 -6.96 0.30 -0.13
C VAL A 18 -7.74 -0.03 -1.36
N TRP A 19 -9.08 0.16 -1.32
CA TRP A 19 -9.98 -0.28 -2.35
C TRP A 19 -10.29 0.82 -3.34
N GLU A 20 -10.07 0.53 -4.64
CA GLU A 20 -10.51 1.36 -5.75
C GLU A 20 -10.80 0.41 -6.92
N ARG A 1 -11.01 -1.97 -7.93
CA ARG A 1 -9.73 -2.73 -7.80
C ARG A 1 -9.07 -2.53 -6.47
N TRP A 2 -8.27 -3.53 -6.04
CA TRP A 2 -7.44 -3.44 -4.85
C TRP A 2 -6.08 -2.98 -5.32
N VAL A 3 -5.49 -1.97 -4.65
CA VAL A 3 -4.27 -1.31 -5.10
C VAL A 3 -3.45 -0.85 -3.92
N ALA A 4 -2.11 -0.78 -4.14
CA ALA A 4 -1.13 -0.37 -3.16
C ALA A 4 -0.94 1.12 -3.22
N ARG A 5 -0.67 1.74 -2.05
CA ARG A 5 -0.47 3.16 -1.91
C ARG A 5 0.86 3.36 -1.23
N ARG A 6 1.47 4.57 -1.42
CA ARG A 6 2.82 4.82 -0.98
C ARG A 6 2.86 5.91 0.05
N ASP A 7 3.31 5.55 1.28
CA ASP A 7 3.70 6.47 2.33
C ASP A 7 5.18 6.24 2.50
N TYR A 8 5.88 7.23 3.12
CA TYR A 8 7.29 7.18 3.44
C TYR A 8 7.37 6.90 4.91
N ARG A 9 6.98 5.66 5.26
CA ARG A 9 6.72 5.23 6.60
C ARG A 9 6.86 3.73 6.53
N GLY A 10 7.24 3.07 7.65
CA GLY A 10 7.51 1.64 7.69
C GLY A 10 8.86 1.28 7.09
N ASP A 11 9.10 -0.04 6.96
CA ASP A 11 10.37 -0.60 6.55
C ASP A 11 10.25 -1.25 5.19
N MET A 12 9.18 -0.93 4.42
CA MET A 12 8.99 -1.51 3.10
C MET A 12 9.10 -0.44 2.05
N GLY A 13 8.54 0.77 2.32
CA GLY A 13 8.63 1.90 1.42
C GLY A 13 7.32 2.18 0.75
N PHE A 14 6.19 1.73 1.34
CA PHE A 14 4.87 2.00 0.81
C PHE A 14 3.87 1.82 1.94
N ASP A 15 3.75 0.57 2.43
CA ASP A 15 3.16 0.16 3.70
C ASP A 15 1.73 -0.34 3.69
N TYR A 16 0.84 0.09 2.76
CA TYR A 16 -0.58 -0.18 2.93
C TYR A 16 -1.27 -0.30 1.59
N TRP A 17 -2.55 -0.78 1.62
CA TRP A 17 -3.34 -1.12 0.46
C TRP A 17 -4.78 -0.68 0.69
N VAL A 18 -5.51 -0.33 -0.41
CA VAL A 18 -6.84 0.28 -0.36
C VAL A 18 -7.71 -0.23 -1.49
N TRP A 19 -9.05 -0.04 -1.37
CA TRP A 19 -10.01 -0.27 -2.43
C TRP A 19 -10.24 1.01 -3.21
N GLU A 20 -10.07 0.97 -4.55
CA GLU A 20 -10.35 2.07 -5.44
C GLU A 20 -11.37 1.57 -6.47
N ARG A 1 -11.42 -3.50 -6.62
CA ARG A 1 -10.11 -4.20 -6.59
C ARG A 1 -9.13 -3.49 -5.67
N TRP A 2 -8.01 -4.15 -5.32
CA TRP A 2 -6.99 -3.59 -4.44
C TRP A 2 -5.90 -2.92 -5.23
N VAL A 3 -5.50 -1.71 -4.78
CA VAL A 3 -4.35 -0.98 -5.27
C VAL A 3 -3.56 -0.64 -4.03
N ALA A 4 -2.22 -0.45 -4.15
CA ALA A 4 -1.36 -0.27 -3.00
C ALA A 4 -0.82 1.13 -2.97
N ARG A 5 -1.05 1.85 -1.85
CA ARG A 5 -0.62 3.20 -1.68
C ARG A 5 0.68 3.17 -0.93
N ARG A 6 1.65 4.01 -1.39
CA ARG A 6 2.98 4.06 -0.85
C ARG A 6 3.23 5.47 -0.42
N ASP A 7 3.23 5.70 0.91
CA ASP A 7 3.51 6.97 1.53
C ASP A 7 4.65 6.79 2.51
N TYR A 8 5.17 5.54 2.63
CA TYR A 8 6.17 5.14 3.61
C TYR A 8 5.73 5.31 5.04
N ARG A 9 4.41 5.11 5.30
CA ARG A 9 3.77 5.28 6.58
C ARG A 9 4.37 4.38 7.65
N GLY A 10 4.60 3.09 7.28
CA GLY A 10 5.12 2.06 8.14
C GLY A 10 6.53 2.29 8.60
N ASP A 11 6.90 1.62 9.72
CA ASP A 11 8.25 1.58 10.25
C ASP A 11 9.15 0.74 9.34
N MET A 12 8.59 -0.32 8.73
CA MET A 12 9.28 -1.13 7.76
C MET A 12 9.06 -0.56 6.38
N GLY A 13 7.97 0.23 6.20
CA GLY A 13 7.73 0.98 4.98
C GLY A 13 7.06 0.20 3.89
N PHE A 14 6.35 -0.90 4.23
CA PHE A 14 5.54 -1.65 3.28
C PHE A 14 4.39 -0.80 2.79
N ASP A 15 3.96 -1.06 1.54
CA ASP A 15 2.84 -0.39 0.90
C ASP A 15 1.56 -0.83 1.59
N TYR A 16 0.52 0.05 1.66
CA TYR A 16 -0.70 -0.24 2.39
C TYR A 16 -1.84 -0.35 1.41
N TRP A 17 -2.77 -1.32 1.66
CA TRP A 17 -3.85 -1.68 0.75
C TRP A 17 -5.04 -0.75 0.79
N VAL A 18 -5.46 -0.24 -0.41
CA VAL A 18 -6.58 0.66 -0.57
C VAL A 18 -7.48 0.11 -1.66
N TRP A 19 -8.81 0.21 -1.46
CA TRP A 19 -9.80 -0.31 -2.36
C TRP A 19 -10.13 0.74 -3.41
N GLU A 20 -10.15 0.32 -4.71
CA GLU A 20 -10.53 1.12 -5.83
C GLU A 20 -11.77 0.43 -6.45
#